data_5R5B
#
_entry.id   5R5B
#
_cell.length_a   49.620
_cell.length_b   52.270
_cell.length_c   101.710
_cell.angle_alpha   90.000
_cell.angle_beta   90.000
_cell.angle_gamma   90.000
#
_symmetry.space_group_name_H-M   'P 21 21 21'
#
loop_
_entity.id
_entity.type
_entity.pdbx_description
1 polymer 'Uridine diphosphate glucose pyrophosphatase NUDT22'
2 non-polymer '4-[(phenylmethyl)amino]benzoic acid'
3 non-polymer 'DIMETHYL SULFOXIDE'
4 water water
#
_entity_poly.entity_id   1
_entity_poly.type   'polypeptide(L)'
_entity_poly.pdbx_seq_one_letter_code
;SMDPEVTLLLQCPGGGLPQEQIQAELSPAHDRRPLPGGDEAITAIWETRLKAQPWLFDAPKFRLHSATLAPIGSRGPQLL
LRLGLTSYRDFLGTNWSSSAAWLRQQGATDWGDTQAYLADPLGVGAALATADDFLVFLRRSRQVAEAPGLVDVPGGHPEP
QALCPGGSPQHQDLAGQLVVHELFSSVLQEICDEVNLPLLTLSQPLLLGIARNETSAGRASAEFYVQCSLTSEQVRKHYL
SGGPEAHESTGIFFVETQNVRRLPETEMWAELCPSAKGAIILYNRVQGSPTGAALGSPALLPPL
;
_entity_poly.pdbx_strand_id   A
#
# COMPACT_ATOMS: atom_id res chain seq x y z
N ASP A 3 -6.57 6.82 15.31
N ASP A 3 -5.69 6.70 15.29
CA ASP A 3 -6.88 6.08 14.07
CA ASP A 3 -6.69 6.15 14.36
C ASP A 3 -6.63 4.60 14.29
C ASP A 3 -6.59 4.62 14.37
N PRO A 4 -7.56 3.89 14.98
CA PRO A 4 -7.37 2.47 15.23
C PRO A 4 -7.34 1.60 13.96
N GLU A 5 -7.77 2.08 12.79
CA GLU A 5 -7.83 1.14 11.65
C GLU A 5 -6.51 1.15 10.89
N VAL A 6 -5.52 1.95 11.29
CA VAL A 6 -4.17 1.91 10.64
C VAL A 6 -3.05 1.92 11.70
N THR A 7 -2.08 1.02 11.57
CA THR A 7 -0.85 0.96 12.41
C THR A 7 0.39 1.06 11.51
N LEU A 8 1.41 1.82 11.91
CA LEU A 8 2.69 1.87 11.13
C LEU A 8 3.58 0.69 11.52
N LEU A 9 4.01 -0.10 10.55
CA LEU A 9 4.99 -1.19 10.78
C LEU A 9 6.42 -0.67 10.59
N LEU A 10 6.65 0.23 9.65
CA LEU A 10 8.00 0.77 9.28
C LEU A 10 7.85 2.25 8.88
N GLN A 11 8.71 3.15 9.39
CA GLN A 11 8.94 4.52 8.86
C GLN A 11 10.38 4.59 8.30
N CYS A 12 10.57 4.88 7.02
CA CYS A 12 11.90 4.90 6.40
C CYS A 12 12.66 6.16 6.79
N PRO A 13 14.00 6.04 6.90
CA PRO A 13 14.87 7.19 7.11
C PRO A 13 15.24 7.93 5.83
N GLY A 14 15.87 9.08 6.01
CA GLY A 14 16.53 9.81 4.90
C GLY A 14 15.54 10.45 3.95
N GLY A 15 14.26 10.59 4.33
CA GLY A 15 13.23 11.11 3.42
C GLY A 15 12.65 10.02 2.52
N GLY A 16 13.05 8.75 2.70
CA GLY A 16 12.52 7.60 1.94
C GLY A 16 13.63 6.85 1.26
N LEU A 17 13.50 5.55 1.08
CA LEU A 17 14.57 4.71 0.48
C LEU A 17 14.36 4.45 -1.00
N PRO A 18 15.43 4.62 -1.81
CA PRO A 18 15.42 4.15 -3.20
C PRO A 18 15.58 2.63 -3.32
N GLN A 19 15.23 2.11 -4.50
CA GLN A 19 15.31 0.68 -4.86
C GLN A 19 16.67 0.08 -4.46
N GLU A 20 17.76 0.82 -4.72
CA GLU A 20 19.16 0.29 -4.64
C GLU A 20 19.54 0.04 -3.17
N GLN A 21 18.76 0.55 -2.20
CA GLN A 21 19.06 0.40 -0.76
C GLN A 21 18.21 -0.69 -0.09
N ILE A 22 17.44 -1.46 -0.85
CA ILE A 22 16.52 -2.46 -0.25
C ILE A 22 16.91 -3.86 -0.75
N GLN A 23 16.98 -4.76 0.21
CA GLN A 23 17.17 -6.22 0.00
C GLN A 23 15.85 -6.97 0.22
N ALA A 24 15.54 -8.00 -0.58
CA ALA A 24 14.40 -8.90 -0.27
C ALA A 24 14.93 -10.32 -0.08
N GLU A 25 14.29 -11.06 0.81
CA GLU A 25 14.53 -12.50 1.04
C GLU A 25 13.17 -13.15 0.75
N LEU A 26 13.05 -13.85 -0.39
CA LEU A 26 11.81 -14.57 -0.81
C LEU A 26 12.02 -16.05 -0.52
N SER A 27 11.28 -16.58 0.45
CA SER A 27 11.49 -17.91 1.07
C SER A 27 10.15 -18.55 1.46
N PRO A 28 9.95 -19.87 1.24
CA PRO A 28 8.76 -20.55 1.74
C PRO A 28 8.70 -20.56 3.28
N ALA A 29 9.77 -20.25 4.00
CA ALA A 29 9.72 -20.03 5.46
C ALA A 29 8.83 -18.81 5.82
N HIS A 30 8.57 -17.91 4.87
CA HIS A 30 7.81 -16.64 5.08
C HIS A 30 6.33 -16.80 4.65
N ASP A 31 5.93 -18.02 4.31
CA ASP A 31 4.54 -18.34 3.88
C ASP A 31 3.60 -18.36 5.08
N ARG A 32 2.29 -18.25 4.81
CA ARG A 32 1.21 -18.60 5.78
C ARG A 32 1.38 -20.05 6.27
N ARG A 33 1.09 -20.29 7.53
CA ARG A 33 1.04 -21.65 8.12
C ARG A 33 -0.28 -22.29 7.71
N PRO A 34 -0.30 -23.62 7.43
CA PRO A 34 -1.57 -24.34 7.21
C PRO A 34 -2.56 -24.11 8.37
N LEU A 35 -3.86 -23.95 8.08
CA LEU A 35 -4.89 -23.65 9.12
C LEU A 35 -4.99 -24.85 10.08
N PRO A 36 -5.30 -24.61 11.37
CA PRO A 36 -5.37 -25.72 12.35
C PRO A 36 -6.18 -26.98 11.94
N GLY A 37 -7.37 -26.78 11.37
CA GLY A 37 -8.28 -27.86 10.92
C GLY A 37 -8.09 -28.18 9.44
N GLY A 38 -7.07 -27.60 8.82
CA GLY A 38 -6.67 -27.85 7.43
C GLY A 38 -7.14 -26.73 6.49
N ASP A 39 -6.49 -26.62 5.34
CA ASP A 39 -6.81 -25.57 4.33
C ASP A 39 -8.07 -25.91 3.55
N GLU A 40 -8.73 -27.05 3.82
CA GLU A 40 -10.09 -27.33 3.30
C GLU A 40 -11.09 -26.18 3.54
N ALA A 41 -10.98 -25.40 4.62
CA ALA A 41 -11.92 -24.29 4.88
C ALA A 41 -11.74 -23.20 3.80
N ILE A 42 -10.52 -23.03 3.28
CA ILE A 42 -10.23 -22.00 2.22
C ILE A 42 -10.85 -22.48 0.88
N THR A 43 -10.66 -23.75 0.57
CA THR A 43 -11.20 -24.39 -0.65
C THR A 43 -12.74 -24.28 -0.62
N ALA A 44 -13.40 -24.51 0.51
CA ALA A 44 -14.88 -24.44 0.62
C ALA A 44 -15.39 -23.02 0.29
N ILE A 45 -14.76 -21.96 0.83
CA ILE A 45 -15.15 -20.55 0.60
C ILE A 45 -14.98 -20.25 -0.91
N TRP A 46 -13.87 -20.72 -1.50
CA TRP A 46 -13.54 -20.45 -2.94
C TRP A 46 -14.59 -21.14 -3.86
N GLU A 47 -14.89 -22.40 -3.57
CA GLU A 47 -15.94 -23.14 -4.35
C GLU A 47 -17.28 -22.43 -4.27
N THR A 48 -17.72 -22.00 -3.07
CA THR A 48 -19.00 -21.27 -2.87
C THR A 48 -18.99 -20.02 -3.77
N ARG A 49 -17.89 -19.26 -3.74
CA ARG A 49 -17.78 -18.00 -4.53
C ARG A 49 -17.84 -18.32 -6.03
N LEU A 50 -17.05 -19.29 -6.50
CA LEU A 50 -17.03 -19.62 -7.97
C LEU A 50 -18.40 -20.10 -8.45
N LYS A 51 -19.17 -20.77 -7.59
CA LYS A 51 -20.50 -21.27 -8.00
C LYS A 51 -21.55 -20.14 -8.12
N ALA A 52 -21.23 -18.94 -7.66
CA ALA A 52 -22.04 -17.71 -7.84
C ALA A 52 -21.44 -16.80 -8.91
N GLN A 53 -20.10 -16.71 -8.98
CA GLN A 53 -19.37 -15.81 -9.92
C GLN A 53 -18.31 -16.64 -10.64
N PRO A 54 -18.69 -17.48 -11.63
CA PRO A 54 -17.74 -18.40 -12.26
C PRO A 54 -16.67 -17.74 -13.13
N TRP A 55 -16.81 -16.43 -13.39
CA TRP A 55 -15.79 -15.63 -14.14
C TRP A 55 -14.60 -15.20 -13.26
N LEU A 56 -14.65 -15.40 -11.95
CA LEU A 56 -13.52 -15.00 -11.06
C LEU A 56 -12.32 -15.89 -11.32
N PHE A 57 -11.13 -15.37 -11.11
CA PHE A 57 -9.89 -16.16 -11.27
C PHE A 57 -8.94 -15.84 -10.12
N ASP A 58 -8.17 -16.86 -9.72
CA ASP A 58 -7.11 -16.72 -8.70
C ASP A 58 -5.94 -15.94 -9.34
N ALA A 59 -5.07 -15.43 -8.49
CA ALA A 59 -3.78 -14.83 -8.90
C ALA A 59 -2.82 -14.93 -7.72
N PRO A 60 -1.52 -15.15 -7.99
CA PRO A 60 -0.50 -15.14 -6.94
C PRO A 60 -0.23 -13.70 -6.48
N LYS A 61 0.23 -13.60 -5.23
CA LYS A 61 0.52 -12.33 -4.57
C LYS A 61 1.78 -12.54 -3.71
N PHE A 62 2.50 -11.45 -3.42
CA PHE A 62 3.59 -11.52 -2.41
C PHE A 62 2.95 -11.44 -1.02
N ARG A 63 3.54 -12.14 -0.06
CA ARG A 63 3.17 -12.08 1.38
C ARG A 63 4.26 -11.34 2.17
N LEU A 64 3.88 -10.35 2.96
CA LEU A 64 4.82 -9.70 3.91
C LEU A 64 4.90 -10.52 5.19
N HIS A 65 6.07 -11.08 5.52
CA HIS A 65 6.33 -11.67 6.84
C HIS A 65 6.82 -10.60 7.84
N SER A 66 7.80 -9.81 7.47
CA SER A 66 8.46 -8.81 8.36
C SER A 66 9.41 -7.92 7.56
N ALA A 67 9.82 -6.78 8.12
CA ALA A 67 10.71 -5.80 7.48
C ALA A 67 11.66 -5.22 8.53
N THR A 68 12.97 -5.46 8.42
CA THR A 68 13.97 -5.01 9.43
C THR A 68 14.79 -3.85 8.87
N LEU A 69 14.78 -2.68 9.54
CA LEU A 69 15.66 -1.53 9.17
C LEU A 69 17.06 -1.69 9.82
N ALA A 70 18.09 -1.33 9.05
CA ALA A 70 19.49 -1.21 9.51
C ALA A 70 19.56 -0.12 10.59
N PRO A 71 20.63 -0.09 11.42
CA PRO A 71 20.91 1.06 12.30
C PRO A 71 20.94 2.36 11.49
N ILE A 72 20.26 3.43 11.94
CA ILE A 72 20.22 4.69 11.16
C ILE A 72 21.64 5.26 10.96
N GLY A 73 21.84 5.83 9.78
CA GLY A 73 23.08 6.53 9.38
C GLY A 73 24.16 5.60 8.88
N SER A 74 23.86 4.30 8.72
CA SER A 74 24.83 3.26 8.30
C SER A 74 25.00 3.25 6.77
N ARG A 75 26.13 2.69 6.33
CA ARG A 75 26.45 2.46 4.91
C ARG A 75 25.84 1.10 4.55
N GLY A 76 25.69 0.83 3.27
CA GLY A 76 25.20 -0.48 2.81
C GLY A 76 23.69 -0.53 2.79
N PRO A 77 23.09 -1.70 2.45
CA PRO A 77 21.64 -1.87 2.42
C PRO A 77 20.94 -1.48 3.72
N GLN A 78 19.82 -0.77 3.58
CA GLN A 78 19.16 -0.11 4.74
C GLN A 78 17.91 -0.87 5.19
N LEU A 79 17.33 -1.74 4.34
CA LEU A 79 16.10 -2.48 4.73
C LEU A 79 16.21 -3.91 4.23
N LEU A 80 15.76 -4.87 5.03
CA LEU A 80 15.49 -6.27 4.58
C LEU A 80 13.98 -6.54 4.64
N LEU A 81 13.39 -6.86 3.49
CA LEU A 81 11.99 -7.35 3.39
C LEU A 81 12.03 -8.87 3.38
N ARG A 82 11.31 -9.50 4.31
CA ARG A 82 11.10 -10.97 4.33
C ARG A 82 9.73 -11.26 3.73
N LEU A 83 9.74 -11.90 2.56
CA LEU A 83 8.52 -12.10 1.72
C LEU A 83 8.29 -13.61 1.52
N GLY A 84 7.03 -14.01 1.50
CA GLY A 84 6.61 -15.33 1.02
C GLY A 84 5.67 -15.21 -0.16
N LEU A 85 4.94 -16.26 -0.45
CA LEU A 85 3.96 -16.23 -1.56
C LEU A 85 2.59 -16.57 -0.97
N THR A 86 1.58 -15.93 -1.51
CA THR A 86 0.14 -16.18 -1.19
C THR A 86 -0.70 -16.00 -2.46
N SER A 87 -2.00 -15.77 -2.31
CA SER A 87 -2.92 -15.72 -3.48
C SER A 87 -4.17 -14.99 -3.09
N TYR A 88 -4.94 -14.57 -4.10
CA TYR A 88 -6.29 -13.95 -3.94
C TYR A 88 -7.22 -14.95 -3.23
N ARG A 89 -7.21 -16.22 -3.66
CA ARG A 89 -8.02 -17.30 -3.02
C ARG A 89 -7.71 -17.41 -1.52
N ASP A 90 -6.43 -17.44 -1.15
CA ASP A 90 -6.05 -17.55 0.28
C ASP A 90 -6.49 -16.31 1.09
N PHE A 91 -6.38 -15.12 0.48
CA PHE A 91 -6.94 -13.86 1.06
C PHE A 91 -8.43 -14.04 1.38
N LEU A 92 -9.23 -14.48 0.41
CA LEU A 92 -10.70 -14.58 0.61
C LEU A 92 -11.02 -15.57 1.74
N GLY A 93 -10.23 -16.61 1.90
CA GLY A 93 -10.47 -17.64 2.93
C GLY A 93 -9.90 -17.30 4.31
N THR A 94 -9.16 -16.19 4.46
CA THR A 94 -8.47 -15.86 5.75
C THR A 94 -8.76 -14.41 6.13
N ASN A 95 -8.01 -13.43 5.61
CA ASN A 95 -8.20 -12.01 5.99
C ASN A 95 -9.66 -11.53 5.79
N TRP A 96 -10.32 -11.97 4.72
CA TRP A 96 -11.69 -11.53 4.32
C TRP A 96 -12.76 -12.46 4.87
N SER A 97 -12.38 -13.50 5.59
CA SER A 97 -13.33 -14.43 6.28
C SER A 97 -13.96 -13.77 7.52
N SER A 98 -15.21 -14.13 7.80
CA SER A 98 -15.95 -13.63 8.99
C SER A 98 -15.20 -14.03 10.27
N SER A 99 -14.39 -15.09 10.21
N SER A 99 -14.41 -15.10 10.24
CA SER A 99 -13.66 -15.67 11.37
CA SER A 99 -13.68 -15.63 11.43
C SER A 99 -12.20 -15.17 11.46
C SER A 99 -12.21 -15.19 11.44
N ALA A 100 -11.86 -14.11 10.72
CA ALA A 100 -10.46 -13.63 10.68
C ALA A 100 -9.95 -13.35 12.12
N ALA A 101 -10.77 -12.77 13.01
CA ALA A 101 -10.29 -12.45 14.38
C ALA A 101 -9.96 -13.75 15.12
N TRP A 102 -10.72 -14.83 14.89
CA TRP A 102 -10.44 -16.13 15.55
C TRP A 102 -9.09 -16.67 15.05
N LEU A 103 -8.81 -16.56 13.76
CA LEU A 103 -7.50 -16.97 13.18
C LEU A 103 -6.36 -16.17 13.81
N ARG A 104 -6.54 -14.87 14.05
CA ARG A 104 -5.51 -14.02 14.69
C ARG A 104 -5.23 -14.50 16.14
N GLN A 105 -6.27 -14.80 16.90
CA GLN A 105 -6.11 -15.33 18.31
C GLN A 105 -5.39 -16.69 18.32
N GLN A 106 -5.75 -17.59 17.38
N GLN A 106 -5.75 -17.58 17.37
CA GLN A 106 -5.14 -18.93 17.25
CA GLN A 106 -5.15 -18.94 17.27
C GLN A 106 -3.67 -18.80 16.86
C GLN A 106 -3.68 -18.82 16.85
N GLY A 107 -3.34 -17.85 15.99
CA GLY A 107 -1.95 -17.62 15.56
C GLY A 107 -1.10 -17.11 16.73
N ALA A 108 -1.63 -16.22 17.57
CA ALA A 108 -0.96 -15.79 18.82
C ALA A 108 -0.72 -17.02 19.74
N THR A 109 -1.74 -17.86 19.96
CA THR A 109 -1.62 -19.08 20.80
C THR A 109 -0.54 -20.03 20.25
N ASP A 110 -0.62 -20.42 18.98
CA ASP A 110 0.15 -21.56 18.38
C ASP A 110 1.56 -21.12 17.98
N TRP A 111 1.77 -19.90 17.46
CA TRP A 111 3.02 -19.47 16.82
C TRP A 111 3.57 -18.20 17.48
N GLY A 112 2.89 -17.62 18.47
CA GLY A 112 3.21 -16.26 18.98
C GLY A 112 3.24 -15.22 17.86
N ASP A 113 2.29 -15.31 16.92
CA ASP A 113 2.27 -14.42 15.73
C ASP A 113 0.83 -14.29 15.26
N THR A 114 0.22 -13.12 15.52
CA THR A 114 -1.20 -12.89 15.17
C THR A 114 -1.44 -13.08 13.67
N GLN A 115 -0.41 -12.98 12.84
CA GLN A 115 -0.62 -13.10 11.36
C GLN A 115 -0.35 -14.53 10.81
N ALA A 116 0.03 -15.53 11.64
CA ALA A 116 0.62 -16.82 11.16
C ALA A 116 -0.36 -17.54 10.23
N TYR A 117 -1.67 -17.42 10.48
CA TYR A 117 -2.73 -18.13 9.72
C TYR A 117 -3.39 -17.21 8.67
N LEU A 118 -2.80 -16.04 8.39
CA LEU A 118 -3.41 -15.06 7.46
C LEU A 118 -2.59 -14.97 6.17
N ALA A 119 -3.29 -14.85 5.05
CA ALA A 119 -2.65 -14.70 3.72
C ALA A 119 -1.75 -13.45 3.70
N ASP A 120 -2.26 -12.31 4.17
CA ASP A 120 -1.50 -11.03 4.26
C ASP A 120 -0.81 -10.70 2.94
N PRO A 121 -1.56 -10.60 1.82
CA PRO A 121 -0.98 -10.09 0.56
C PRO A 121 -0.43 -8.67 0.72
N LEU A 122 0.73 -8.40 0.10
CA LEU A 122 1.37 -7.06 0.18
C LEU A 122 0.75 -6.12 -0.86
N GLY A 123 0.18 -5.00 -0.40
CA GLY A 123 -0.28 -3.92 -1.28
C GLY A 123 0.80 -2.91 -1.57
N VAL A 124 0.59 -2.09 -2.59
CA VAL A 124 1.42 -0.87 -2.82
C VAL A 124 0.49 0.33 -3.00
N GLY A 125 0.91 1.49 -2.48
CA GLY A 125 0.19 2.76 -2.68
C GLY A 125 1.14 3.89 -2.88
N ALA A 126 0.68 5.01 -3.43
CA ALA A 126 1.57 6.18 -3.70
C ALA A 126 0.92 7.47 -3.20
N ALA A 127 1.74 8.28 -2.52
CA ALA A 127 1.59 9.74 -2.44
C ALA A 127 2.19 10.29 -3.74
N LEU A 128 1.30 10.67 -4.67
CA LEU A 128 1.71 11.13 -6.01
C LEU A 128 1.57 12.65 -6.06
N ALA A 129 2.68 13.38 -6.20
CA ALA A 129 2.73 14.87 -6.13
C ALA A 129 2.82 15.41 -7.56
N THR A 130 2.10 16.50 -7.83
CA THR A 130 2.14 17.24 -9.12
C THR A 130 3.23 18.32 -9.12
N ALA A 131 3.52 18.85 -10.31
CA ALA A 131 4.57 19.89 -10.48
C ALA A 131 4.14 21.17 -9.73
N ASP A 132 2.85 21.40 -9.55
CA ASP A 132 2.25 22.58 -8.85
C ASP A 132 1.88 22.29 -7.39
N ASP A 133 2.49 21.23 -6.82
N ASP A 133 2.40 21.19 -6.82
CA ASP A 133 2.48 20.87 -5.37
CA ASP A 133 2.44 20.98 -5.34
C ASP A 133 1.05 20.57 -4.89
C ASP A 133 1.08 20.49 -4.82
N PHE A 134 0.42 19.57 -5.52
CA PHE A 134 -0.81 18.89 -5.00
C PHE A 134 -0.53 17.39 -4.88
N LEU A 135 -1.19 16.70 -3.96
CA LEU A 135 -1.31 15.21 -3.98
C LEU A 135 -2.59 14.78 -4.72
N VAL A 136 -2.55 13.61 -5.34
CA VAL A 136 -3.63 13.01 -6.17
C VAL A 136 -4.48 12.04 -5.36
N PHE A 137 -5.82 12.21 -5.41
CA PHE A 137 -6.82 11.33 -4.76
C PHE A 137 -7.82 10.77 -5.80
N LEU A 138 -8.35 9.58 -5.52
CA LEU A 138 -9.29 8.83 -6.40
C LEU A 138 -10.52 8.45 -5.58
N ARG A 139 -11.71 8.54 -6.18
CA ARG A 139 -12.97 8.08 -5.51
C ARG A 139 -13.27 6.64 -5.92
N ARG A 140 -13.45 5.75 -4.96
CA ARG A 140 -13.78 4.33 -5.19
C ARG A 140 -15.27 4.22 -5.59
N SER A 141 -15.53 3.37 -6.57
CA SER A 141 -16.89 2.91 -6.94
C SER A 141 -17.66 2.40 -5.71
N ARG A 142 -18.99 2.44 -5.76
CA ARG A 142 -19.87 1.81 -4.74
C ARG A 142 -20.13 0.33 -5.07
N GLN A 143 -19.53 -0.22 -6.14
CA GLN A 143 -19.71 -1.63 -6.58
C GLN A 143 -18.63 -2.56 -6.01
N VAL A 144 -17.47 -2.02 -5.58
CA VAL A 144 -16.31 -2.84 -5.11
C VAL A 144 -16.65 -3.45 -3.74
N ALA A 145 -15.98 -4.56 -3.40
CA ALA A 145 -16.20 -5.36 -2.17
C ALA A 145 -15.70 -4.61 -0.93
N GLU A 146 -14.51 -4.02 -1.01
CA GLU A 146 -13.81 -3.40 0.14
C GLU A 146 -13.84 -1.87 -0.01
N ALA A 147 -14.22 -1.16 1.05
CA ALA A 147 -14.21 0.31 1.15
C ALA A 147 -14.97 0.93 -0.02
N PRO A 148 -16.22 0.49 -0.31
CA PRO A 148 -17.02 1.11 -1.37
C PRO A 148 -17.29 2.59 -1.06
N GLY A 149 -17.06 3.39 -2.08
CA GLY A 149 -17.42 4.82 -2.05
C GLY A 149 -16.42 5.66 -1.29
N LEU A 150 -15.30 5.06 -0.82
CA LEU A 150 -14.31 5.80 0.00
C LEU A 150 -13.24 6.45 -0.90
N VAL A 151 -12.50 7.41 -0.35
CA VAL A 151 -11.34 8.04 -1.06
C VAL A 151 -10.10 7.11 -1.00
N ASP A 152 -9.39 6.94 -2.10
CA ASP A 152 -8.13 6.15 -2.14
C ASP A 152 -6.99 6.98 -2.75
N VAL A 153 -5.78 6.44 -2.73
CA VAL A 153 -4.63 6.95 -3.53
C VAL A 153 -4.35 5.91 -4.62
N PRO A 154 -3.55 6.20 -5.66
CA PRO A 154 -3.17 5.18 -6.64
C PRO A 154 -2.43 3.98 -6.03
N GLY A 155 -2.73 2.78 -6.48
CA GLY A 155 -1.99 1.60 -6.03
C GLY A 155 -2.70 0.32 -6.40
N GLY A 156 -2.27 -0.80 -5.84
CA GLY A 156 -2.87 -2.12 -6.13
C GLY A 156 -2.14 -3.20 -5.37
N HIS A 157 -2.22 -4.45 -5.83
CA HIS A 157 -1.62 -5.65 -5.18
C HIS A 157 -0.80 -6.40 -6.22
N PRO A 158 0.53 -6.20 -6.29
CA PRO A 158 1.35 -6.80 -7.35
C PRO A 158 1.45 -8.33 -7.36
N GLU A 159 1.57 -8.85 -8.57
CA GLU A 159 1.56 -10.29 -8.93
C GLU A 159 2.98 -10.69 -9.29
N PRO A 160 3.57 -11.68 -8.58
CA PRO A 160 4.86 -12.28 -8.90
C PRO A 160 5.00 -12.68 -10.39
N GLN A 161 6.12 -12.26 -11.02
CA GLN A 161 6.47 -12.45 -12.47
C GLN A 161 5.22 -12.46 -13.34
N ASP A 173 20.34 -12.07 -2.15
CA ASP A 173 19.54 -11.05 -2.86
C ASP A 173 19.48 -11.42 -4.36
N LEU A 174 19.56 -12.71 -4.72
CA LEU A 174 19.77 -13.08 -6.15
C LEU A 174 18.47 -13.51 -6.85
N ALA A 175 17.42 -13.90 -6.14
CA ALA A 175 16.03 -13.70 -6.62
C ALA A 175 15.49 -12.38 -6.02
N GLY A 176 16.06 -11.94 -4.89
CA GLY A 176 15.75 -10.71 -4.12
C GLY A 176 15.68 -9.44 -4.95
N GLN A 177 16.68 -9.19 -5.78
CA GLN A 177 16.83 -7.87 -6.45
C GLN A 177 15.76 -7.77 -7.54
N LEU A 178 15.38 -8.90 -8.13
CA LEU A 178 14.28 -8.90 -9.13
C LEU A 178 12.96 -8.62 -8.41
N VAL A 179 12.76 -9.18 -7.23
CA VAL A 179 11.50 -8.93 -6.47
C VAL A 179 11.41 -7.43 -6.09
N VAL A 180 12.47 -6.84 -5.57
CA VAL A 180 12.41 -5.37 -5.21
C VAL A 180 12.10 -4.58 -6.49
N HIS A 181 12.75 -4.91 -7.60
CA HIS A 181 12.49 -4.22 -8.88
C HIS A 181 11.00 -4.32 -9.25
N GLU A 182 10.37 -5.49 -9.09
N GLU A 182 10.40 -5.51 -9.07
CA GLU A 182 8.94 -5.67 -9.47
CA GLU A 182 8.98 -5.76 -9.41
C GLU A 182 8.05 -4.84 -8.55
C GLU A 182 8.08 -4.86 -8.56
N LEU A 183 8.40 -4.72 -7.26
CA LEU A 183 7.60 -3.87 -6.34
C LEU A 183 7.63 -2.40 -6.81
N PHE A 184 8.82 -1.84 -7.06
CA PHE A 184 8.95 -0.42 -7.47
C PHE A 184 8.27 -0.21 -8.85
N SER A 185 8.51 -1.12 -9.79
N SER A 185 8.49 -1.12 -9.80
CA SER A 185 7.87 -1.08 -11.14
CA SER A 185 7.87 -0.98 -11.15
C SER A 185 6.34 -1.07 -11.01
C SER A 185 6.34 -1.13 -11.07
N SER A 186 5.81 -1.92 -10.13
CA SER A 186 4.35 -2.13 -9.98
C SER A 186 3.68 -0.81 -9.56
N VAL A 187 4.31 0.00 -8.69
CA VAL A 187 3.60 1.26 -8.27
C VAL A 187 3.53 2.24 -9.47
N LEU A 188 4.58 2.30 -10.32
CA LEU A 188 4.52 3.14 -11.55
C LEU A 188 3.47 2.60 -12.52
N GLN A 189 3.45 1.28 -12.76
CA GLN A 189 2.48 0.66 -13.69
C GLN A 189 1.07 0.96 -13.20
N GLU A 190 0.79 0.91 -11.89
CA GLU A 190 -0.57 1.16 -11.31
C GLU A 190 -0.93 2.64 -11.57
N ILE A 191 0.03 3.58 -11.46
CA ILE A 191 -0.24 5.01 -11.77
C ILE A 191 -0.56 5.16 -13.27
N CYS A 192 0.23 4.55 -14.16
CA CYS A 192 -0.02 4.62 -15.63
C CYS A 192 -1.38 4.01 -15.96
N ASP A 193 -1.71 2.85 -15.43
CA ASP A 193 -3.00 2.15 -15.76
C ASP A 193 -4.23 2.92 -15.23
N GLU A 194 -4.22 3.49 -14.03
CA GLU A 194 -5.43 4.07 -13.42
C GLU A 194 -5.50 5.59 -13.69
N VAL A 195 -4.39 6.33 -13.66
CA VAL A 195 -4.42 7.81 -13.77
C VAL A 195 -4.21 8.18 -15.24
N ASN A 196 -3.73 7.23 -16.05
CA ASN A 196 -3.55 7.37 -17.53
C ASN A 196 -2.40 8.34 -17.82
N LEU A 197 -1.37 8.35 -16.98
CA LEU A 197 -0.19 9.23 -17.16
C LEU A 197 0.88 8.51 -17.96
N PRO A 198 1.65 9.25 -18.78
CA PRO A 198 2.82 8.69 -19.44
C PRO A 198 3.89 8.31 -18.40
N LEU A 199 4.53 7.15 -18.59
CA LEU A 199 5.60 6.66 -17.66
C LEU A 199 6.71 7.69 -17.55
N LEU A 200 7.06 8.37 -18.66
CA LEU A 200 8.18 9.34 -18.66
C LEU A 200 7.87 10.62 -17.88
N THR A 201 6.64 10.83 -17.39
CA THR A 201 6.36 12.01 -16.54
C THR A 201 6.60 11.67 -15.05
N LEU A 202 6.95 10.43 -14.71
CA LEU A 202 7.07 9.95 -13.30
C LEU A 202 8.55 9.79 -12.86
N SER A 203 8.87 10.21 -11.62
CA SER A 203 10.17 9.99 -10.94
C SER A 203 10.31 8.53 -10.52
N GLN A 204 11.54 8.03 -10.31
CA GLN A 204 11.70 6.73 -9.63
C GLN A 204 11.09 6.83 -8.22
N PRO A 205 10.32 5.82 -7.78
CA PRO A 205 9.68 5.92 -6.45
C PRO A 205 10.70 5.92 -5.30
N LEU A 206 10.31 6.50 -4.15
CA LEU A 206 11.01 6.29 -2.86
C LEU A 206 10.05 5.57 -1.91
N LEU A 207 10.52 4.53 -1.22
CA LEU A 207 9.69 3.86 -0.19
C LEU A 207 9.61 4.73 1.08
N LEU A 208 8.40 5.16 1.46
CA LEU A 208 8.20 5.95 2.71
C LEU A 208 8.10 5.05 3.95
N GLY A 209 7.48 3.87 3.84
CA GLY A 209 7.26 2.97 4.98
C GLY A 209 6.22 1.92 4.66
N ILE A 210 5.76 1.21 5.70
CA ILE A 210 4.75 0.13 5.58
C ILE A 210 3.67 0.39 6.62
N ALA A 211 2.40 0.32 6.20
CA ALA A 211 1.22 0.55 7.05
C ALA A 211 0.39 -0.73 7.04
N ARG A 212 -0.25 -1.04 8.16
CA ARG A 212 -1.17 -2.20 8.28
C ARG A 212 -2.62 -1.70 8.38
N ASN A 213 -3.55 -2.40 7.72
CA ASN A 213 -5.02 -2.17 7.66
C ASN A 213 -5.67 -3.09 8.69
N GLU A 214 -6.00 -2.59 9.87
CA GLU A 214 -6.59 -3.38 10.98
C GLU A 214 -8.05 -3.78 10.66
N THR A 215 -8.71 -3.13 9.69
CA THR A 215 -10.08 -3.50 9.21
C THR A 215 -10.02 -4.70 8.26
N SER A 216 -8.86 -5.00 7.69
CA SER A 216 -8.63 -6.18 6.82
C SER A 216 -7.66 -7.16 7.52
N ALA A 217 -7.81 -7.32 8.86
CA ALA A 217 -7.10 -8.32 9.70
C ALA A 217 -5.59 -8.12 9.67
N GLY A 218 -5.14 -6.90 9.42
CA GLY A 218 -3.72 -6.54 9.55
C GLY A 218 -2.86 -6.65 8.29
N ARG A 219 -3.45 -6.83 7.10
CA ARG A 219 -2.65 -6.94 5.85
C ARG A 219 -1.94 -5.60 5.61
N ALA A 220 -0.69 -5.67 5.13
CA ALA A 220 0.23 -4.52 5.03
C ALA A 220 0.26 -3.98 3.59
N SER A 221 0.51 -2.68 3.44
CA SER A 221 0.80 -2.03 2.15
C SER A 221 2.12 -1.26 2.26
N ALA A 222 3.03 -1.43 1.29
CA ALA A 222 4.20 -0.53 1.11
C ALA A 222 3.71 0.80 0.53
N GLU A 223 4.07 1.93 1.13
CA GLU A 223 3.62 3.28 0.73
C GLU A 223 4.82 4.02 0.14
N PHE A 224 4.69 4.56 -1.09
CA PHE A 224 5.79 5.19 -1.86
C PHE A 224 5.50 6.67 -2.14
N TYR A 225 6.54 7.47 -2.38
CA TYR A 225 6.41 8.87 -2.84
C TYR A 225 6.86 8.88 -4.31
N VAL A 226 6.03 9.45 -5.20
CA VAL A 226 6.34 9.60 -6.64
C VAL A 226 6.01 11.04 -7.02
N GLN A 227 6.92 11.68 -7.76
N GLN A 227 6.94 11.71 -7.72
CA GLN A 227 6.74 13.06 -8.28
CA GLN A 227 6.72 13.08 -8.28
C GLN A 227 6.41 12.99 -9.78
C GLN A 227 6.39 12.98 -9.76
N CYS A 228 5.46 13.83 -10.22
CA CYS A 228 5.04 13.92 -11.64
C CYS A 228 5.44 15.29 -12.15
N SER A 229 5.92 15.34 -13.40
CA SER A 229 6.35 16.61 -14.05
C SER A 229 5.14 17.41 -14.59
N LEU A 230 3.93 16.84 -14.57
CA LEU A 230 2.68 17.54 -15.01
C LEU A 230 2.05 18.29 -13.83
N THR A 231 1.36 19.38 -14.13
CA THR A 231 0.48 20.11 -13.18
C THR A 231 -0.82 19.34 -12.90
N SER A 232 -1.50 19.70 -11.82
CA SER A 232 -2.82 19.14 -11.45
C SER A 232 -3.79 19.22 -12.64
N GLU A 233 -3.82 20.36 -13.37
CA GLU A 233 -4.77 20.51 -14.52
C GLU A 233 -4.42 19.48 -15.61
N GLN A 234 -3.13 19.31 -15.91
CA GLN A 234 -2.66 18.33 -16.92
C GLN A 234 -2.95 16.89 -16.47
N VAL A 235 -2.74 16.55 -15.18
CA VAL A 235 -3.05 15.19 -14.67
C VAL A 235 -4.55 14.92 -14.86
N ARG A 236 -5.42 15.88 -14.50
CA ARG A 236 -6.90 15.77 -14.65
C ARG A 236 -7.26 15.47 -16.10
N LYS A 237 -6.70 16.23 -17.04
CA LYS A 237 -6.99 16.04 -18.50
C LYS A 237 -6.62 14.62 -18.89
N HIS A 238 -5.44 14.09 -18.47
CA HIS A 238 -5.00 12.73 -18.87
C HIS A 238 -5.99 11.67 -18.33
N TYR A 239 -6.30 11.73 -17.02
CA TYR A 239 -7.26 10.84 -16.36
C TYR A 239 -8.60 10.85 -17.12
N LEU A 240 -9.17 12.03 -17.37
CA LEU A 240 -10.54 12.13 -17.96
C LEU A 240 -10.50 11.70 -19.43
N SER A 241 -9.43 11.99 -20.16
CA SER A 241 -9.35 11.73 -21.63
C SER A 241 -9.34 10.22 -21.90
N GLY A 242 -9.16 9.38 -20.88
CA GLY A 242 -9.33 7.92 -21.04
C GLY A 242 -10.79 7.50 -21.14
N GLY A 243 -11.71 8.27 -20.56
CA GLY A 243 -13.14 7.90 -20.54
C GLY A 243 -13.45 6.93 -19.41
N PRO A 244 -14.74 6.64 -19.13
CA PRO A 244 -15.12 5.79 -18.00
C PRO A 244 -14.52 4.37 -17.94
N GLU A 245 -14.24 3.74 -19.08
CA GLU A 245 -13.67 2.36 -19.12
C GLU A 245 -12.14 2.36 -18.92
N ALA A 246 -11.48 3.51 -18.89
CA ALA A 246 -10.01 3.55 -18.74
C ALA A 246 -9.63 3.51 -17.24
N HIS A 247 -10.59 3.63 -16.30
CA HIS A 247 -10.25 3.66 -14.84
C HIS A 247 -11.30 2.91 -14.02
N GLU A 248 -10.90 2.31 -12.89
CA GLU A 248 -11.81 1.60 -11.94
C GLU A 248 -12.46 2.65 -11.01
N SER A 249 -11.74 3.71 -10.67
CA SER A 249 -12.27 4.83 -9.84
C SER A 249 -13.40 5.60 -10.59
N THR A 250 -14.17 6.42 -9.87
CA THR A 250 -15.31 7.19 -10.46
C THR A 250 -14.99 8.67 -10.52
N GLY A 251 -13.82 9.09 -10.03
CA GLY A 251 -13.41 10.50 -10.05
C GLY A 251 -12.00 10.69 -9.53
N ILE A 252 -11.41 11.84 -9.85
CA ILE A 252 -10.04 12.28 -9.41
C ILE A 252 -10.19 13.65 -8.73
N PHE A 253 -9.34 13.94 -7.76
CA PHE A 253 -9.26 15.29 -7.16
C PHE A 253 -7.89 15.51 -6.53
N PHE A 254 -7.61 16.74 -6.13
CA PHE A 254 -6.25 17.21 -5.73
C PHE A 254 -6.34 18.01 -4.43
N VAL A 255 -5.36 17.82 -3.52
CA VAL A 255 -5.26 18.63 -2.28
C VAL A 255 -3.84 19.24 -2.24
N GLU A 256 -3.75 20.53 -1.98
CA GLU A 256 -2.41 21.19 -1.89
C GLU A 256 -1.56 20.48 -0.84
N THR A 257 -0.25 20.31 -1.07
CA THR A 257 0.61 19.66 -0.04
C THR A 257 0.58 20.51 1.24
N GLN A 258 0.42 21.85 1.12
CA GLN A 258 0.22 22.74 2.30
C GLN A 258 -0.86 22.20 3.24
N ASN A 259 -1.97 21.75 2.67
CA ASN A 259 -3.22 21.33 3.37
C ASN A 259 -3.17 19.85 3.79
N VAL A 260 -2.28 19.04 3.20
CA VAL A 260 -2.14 17.60 3.60
C VAL A 260 -1.69 17.49 5.06
N ARG A 261 -0.83 18.42 5.52
CA ARG A 261 -0.33 18.48 6.91
C ARG A 261 -1.47 18.31 7.94
N ARG A 262 -2.64 18.95 7.75
CA ARG A 262 -3.75 18.92 8.74
C ARG A 262 -4.92 18.06 8.26
N LEU A 263 -4.71 17.22 7.25
CA LEU A 263 -5.83 16.40 6.72
C LEU A 263 -6.53 15.55 7.80
N PRO A 264 -5.83 14.97 8.81
CA PRO A 264 -6.52 14.19 9.85
C PRO A 264 -7.52 15.02 10.69
N GLU A 265 -7.50 16.35 10.56
CA GLU A 265 -8.40 17.26 11.31
C GLU A 265 -9.59 17.65 10.42
N THR A 266 -9.66 17.22 9.16
CA THR A 266 -10.70 17.62 8.17
C THR A 266 -11.81 16.55 8.12
N GLU A 267 -12.95 16.88 7.50
CA GLU A 267 -14.07 15.94 7.24
C GLU A 267 -13.68 14.89 6.18
N MET A 268 -12.66 15.17 5.36
CA MET A 268 -12.13 14.20 4.35
C MET A 268 -11.61 12.94 5.08
N TRP A 269 -11.08 13.08 6.28
CA TRP A 269 -10.35 11.96 6.96
C TRP A 269 -11.31 10.77 7.16
N ALA A 270 -12.56 11.04 7.52
CA ALA A 270 -13.58 9.98 7.74
C ALA A 270 -13.91 9.25 6.42
N GLU A 271 -13.63 9.84 5.26
CA GLU A 271 -13.93 9.22 3.96
C GLU A 271 -12.72 8.47 3.40
N LEU A 272 -11.53 8.58 4.00
CA LEU A 272 -10.32 7.91 3.42
C LEU A 272 -10.28 6.44 3.84
N CYS A 273 -10.05 5.53 2.92
CA CYS A 273 -9.80 4.10 3.25
C CYS A 273 -8.48 3.95 4.00
N PRO A 274 -8.35 2.90 4.84
CA PRO A 274 -7.16 2.75 5.70
C PRO A 274 -5.81 2.77 4.99
N SER A 275 -5.67 2.13 3.82
CA SER A 275 -4.36 2.15 3.11
C SER A 275 -4.03 3.56 2.64
N ALA A 276 -5.01 4.36 2.24
CA ALA A 276 -4.77 5.79 1.87
C ALA A 276 -4.41 6.59 3.14
N LYS A 277 -5.07 6.36 4.28
CA LYS A 277 -4.63 6.99 5.55
C LYS A 277 -3.14 6.68 5.81
N GLY A 278 -2.71 5.43 5.61
CA GLY A 278 -1.30 5.05 5.81
C GLY A 278 -0.35 5.86 4.92
N ALA A 279 -0.71 6.03 3.64
CA ALA A 279 0.09 6.80 2.67
C ALA A 279 0.24 8.24 3.15
N ILE A 280 -0.83 8.86 3.62
CA ILE A 280 -0.82 10.29 4.03
C ILE A 280 -0.07 10.48 5.35
N ILE A 281 -0.24 9.60 6.34
CA ILE A 281 0.54 9.67 7.62
C ILE A 281 2.04 9.56 7.30
N LEU A 282 2.43 8.57 6.50
CA LEU A 282 3.85 8.41 6.13
C LEU A 282 4.37 9.60 5.29
N TYR A 283 3.61 10.16 4.36
CA TYR A 283 4.02 11.35 3.58
C TYR A 283 4.31 12.48 4.58
N ASN A 284 3.41 12.68 5.53
CA ASN A 284 3.56 13.79 6.49
C ASN A 284 4.79 13.56 7.40
N ARG A 285 5.09 12.34 7.79
CA ARG A 285 6.22 12.06 8.73
C ARG A 285 7.55 12.06 8.01
N VAL A 286 7.61 11.57 6.77
CA VAL A 286 8.87 11.27 6.04
C VAL A 286 9.22 12.37 5.03
N GLN A 287 8.28 12.86 4.21
CA GLN A 287 8.53 13.97 3.23
C GLN A 287 8.26 15.33 3.89
N GLY A 288 7.18 15.48 4.65
CA GLY A 288 6.93 16.70 5.44
C GLY A 288 7.79 16.68 6.71
N SER A 289 7.39 17.42 7.75
CA SER A 289 8.08 17.42 9.08
C SER A 289 9.57 17.73 8.90
N PRO A 290 9.94 18.97 8.51
CA PRO A 290 11.33 19.32 8.26
C PRO A 290 12.15 19.31 9.56
N THR A 291 13.44 18.98 9.46
CA THR A 291 14.39 18.83 10.61
C THR A 291 15.35 20.03 10.69
N GLY A 292 15.49 20.84 9.62
CA GLY A 292 16.55 21.88 9.50
C GLY A 292 16.02 23.27 9.86
N ALA A 293 16.94 24.23 10.09
CA ALA A 293 16.65 25.59 10.58
C ALA A 293 15.82 26.40 9.58
N ALA A 294 16.13 26.30 8.28
CA ALA A 294 15.44 27.04 7.20
C ALA A 294 13.97 26.62 7.06
N LEU A 295 13.69 25.34 6.72
CA LEU A 295 12.27 24.88 6.49
C LEU A 295 11.51 24.81 7.82
N GLY A 296 12.24 24.78 8.95
CA GLY A 296 11.66 24.72 10.31
C GLY A 296 11.36 26.09 10.90
N SER A 297 11.77 27.18 10.25
CA SER A 297 11.48 28.59 10.64
C SER A 297 9.96 28.85 10.68
N PRO A 298 9.43 29.64 11.65
CA PRO A 298 7.97 29.85 11.77
C PRO A 298 7.17 30.30 10.53
N ALA A 299 7.73 31.19 9.69
CA ALA A 299 7.00 31.65 8.48
C ALA A 299 6.78 30.49 7.50
N LEU A 300 7.74 29.53 7.44
CA LEU A 300 7.65 28.35 6.54
C LEU A 300 6.95 27.16 7.21
N LEU A 301 6.99 27.03 8.55
CA LEU A 301 6.32 25.91 9.29
C LEU A 301 5.45 26.55 10.37
N PRO A 302 4.27 27.07 9.97
CA PRO A 302 3.41 27.83 10.90
C PRO A 302 2.97 26.98 12.09
N PRO A 303 3.10 27.47 13.34
CA PRO A 303 2.63 26.71 14.52
C PRO A 303 1.13 26.38 14.48
N LEU A 304 0.76 25.14 14.82
CA LEU A 304 -0.63 24.71 15.18
C LEU A 304 -1.19 23.73 14.14
#